data_7TLH
#
_entry.id   7TLH
#
_cell.length_a   120.757
_cell.length_b   75.672
_cell.length_c   75.725
_cell.angle_alpha   90.000
_cell.angle_beta   128.500
_cell.angle_gamma   90.000
#
_symmetry.space_group_name_H-M   'C 1 2 1'
#
loop_
_entity.id
_entity.type
_entity.pdbx_description
1 polymer Meteorin
2 non-polymer 'SULFATE ION'
3 water water
#
_entity_poly.entity_id   1
_entity_poly.type   'polypeptide(L)'
_entity_poly.pdbx_seq_one_letter_code
;MSPQAQGLGVDGACRPCSDAELLLAACTSDFVIHGTIHGVAHDTELQESVITVVVARVIRQTLPLFKEGSSEGQGRASIR
TLLRCGVRPGPGSFLFMGWSRFGEAWLGCAPRFQEFSRVYSAALTTHLNPCEMALD
;
_entity_poly.pdbx_strand_id   B,C,A,D
#
loop_
_chem_comp.id
_chem_comp.type
_chem_comp.name
_chem_comp.formula
SO4 non-polymer 'SULFATE ION' 'O4 S -2'
#
# COMPACT_ATOMS: atom_id res chain seq x y z
N ALA A 13 -17.04 11.80 9.82
CA ALA A 13 -17.95 12.12 8.73
C ALA A 13 -17.26 12.93 7.64
N CYS A 14 -16.00 13.31 7.87
CA CYS A 14 -15.23 14.03 6.87
C CYS A 14 -14.13 13.21 6.19
N ARG A 15 -13.86 11.99 6.61
CA ARG A 15 -12.73 11.26 6.05
C ARG A 15 -12.95 10.92 4.57
N PRO A 16 -11.88 10.84 3.79
CA PRO A 16 -12.03 10.46 2.38
C PRO A 16 -12.63 9.07 2.25
N CYS A 17 -13.39 8.87 1.18
CA CYS A 17 -13.91 7.54 0.85
C CYS A 17 -12.79 6.68 0.28
N SER A 18 -12.74 5.42 0.71
CA SER A 18 -11.84 4.46 0.10
C SER A 18 -12.28 4.17 -1.34
N ASP A 19 -11.39 3.57 -2.12
CA ASP A 19 -11.76 3.25 -3.50
C ASP A 19 -12.99 2.34 -3.54
N ALA A 20 -13.07 1.37 -2.62
CA ALA A 20 -14.25 0.51 -2.57
C ALA A 20 -15.50 1.33 -2.25
N GLU A 21 -15.40 2.25 -1.29
CA GLU A 21 -16.53 3.10 -0.95
C GLU A 21 -16.92 4.00 -2.10
N LEU A 22 -15.94 4.55 -2.82
CA LEU A 22 -16.25 5.39 -3.96
C LEU A 22 -17.11 4.67 -4.97
N LEU A 23 -16.76 3.42 -5.29
CA LEU A 23 -17.46 2.67 -6.31
C LEU A 23 -18.92 2.44 -5.92
N LEU A 24 -19.15 2.00 -4.69
CA LEU A 24 -20.52 1.78 -4.21
C LEU A 24 -21.29 3.09 -4.14
N ALA A 25 -20.66 4.14 -3.61
CA ALA A 25 -21.33 5.43 -3.51
C ALA A 25 -21.75 5.95 -4.88
N ALA A 26 -20.90 5.79 -5.89
CA ALA A 26 -21.22 6.32 -7.21
C ALA A 26 -22.43 5.65 -7.83
N CYS A 27 -22.72 4.40 -7.45
CA CYS A 27 -23.89 3.71 -7.96
C CYS A 27 -25.12 3.89 -7.09
N THR A 28 -24.97 4.07 -5.78
CA THR A 28 -26.11 4.20 -4.87
C THR A 28 -26.46 5.65 -4.52
N SER A 29 -25.62 6.62 -4.89
CA SER A 29 -25.86 8.02 -4.51
C SER A 29 -27.06 8.61 -5.25
N ASP A 30 -27.65 9.65 -4.65
CA ASP A 30 -28.70 10.38 -5.36
C ASP A 30 -28.13 11.23 -6.49
N PHE A 31 -26.86 11.61 -6.44
CA PHE A 31 -26.28 12.40 -7.52
C PHE A 31 -24.80 12.08 -7.66
N VAL A 32 -24.31 12.20 -8.89
CA VAL A 32 -22.89 12.12 -9.22
C VAL A 32 -22.64 13.18 -10.28
N ILE A 33 -21.82 14.18 -9.96
CA ILE A 33 -21.55 15.27 -10.89
C ILE A 33 -20.06 15.54 -10.96
N HIS A 34 -19.63 16.00 -12.13
CA HIS A 34 -18.22 16.36 -12.41
C HIS A 34 -18.14 17.88 -12.44
N GLY A 35 -17.26 18.48 -11.65
CA GLY A 35 -17.09 19.92 -11.71
C GLY A 35 -15.94 20.42 -10.87
N THR A 36 -15.84 21.76 -10.79
CA THR A 36 -14.82 22.45 -10.03
C THR A 36 -15.49 23.28 -8.94
N ILE A 37 -14.70 23.63 -7.92
CA ILE A 37 -15.22 24.41 -6.80
C ILE A 37 -14.98 25.89 -7.08
N HIS A 38 -16.08 26.65 -7.25
CA HIS A 38 -15.94 28.07 -7.47
C HIS A 38 -15.81 28.86 -6.17
N GLY A 39 -16.55 28.46 -5.15
CA GLY A 39 -16.50 29.14 -3.87
C GLY A 39 -17.13 28.27 -2.79
N VAL A 40 -16.86 28.64 -1.55
CA VAL A 40 -17.45 27.98 -0.38
C VAL A 40 -17.94 29.04 0.58
N ALA A 41 -19.19 28.89 1.03
CA ALA A 41 -19.81 29.76 2.02
C ALA A 41 -19.98 28.97 3.31
N HIS A 42 -19.80 29.62 4.45
CA HIS A 42 -19.87 28.92 5.73
C HIS A 42 -21.02 29.45 6.58
N ASP A 43 -21.80 28.53 7.13
CA ASP A 43 -22.84 28.85 8.09
C ASP A 43 -22.31 28.48 9.46
N THR A 44 -21.88 29.48 10.22
CA THR A 44 -21.24 29.21 11.51
C THR A 44 -22.26 28.93 12.60
N GLU A 45 -23.54 29.17 12.36
CA GLU A 45 -24.58 28.78 13.32
CA GLU A 45 -24.57 28.79 13.32
C GLU A 45 -24.91 27.30 13.17
N LEU A 46 -25.24 26.87 11.96
CA LEU A 46 -25.47 25.45 11.72
C LEU A 46 -24.18 24.64 11.66
N GLN A 47 -23.02 25.31 11.51
CA GLN A 47 -21.72 24.63 11.34
C GLN A 47 -21.75 23.72 10.10
N GLU A 48 -22.20 24.31 9.00
CA GLU A 48 -22.27 23.66 7.70
C GLU A 48 -21.62 24.59 6.67
N SER A 49 -21.13 23.99 5.60
CA SER A 49 -20.58 24.74 4.49
C SER A 49 -21.45 24.49 3.26
N VAL A 50 -21.53 25.48 2.39
CA VAL A 50 -22.23 25.37 1.12
C VAL A 50 -21.19 25.57 0.02
N ILE A 51 -20.96 24.52 -0.76
CA ILE A 51 -19.96 24.49 -1.81
C ILE A 51 -20.66 24.82 -3.12
N THR A 52 -20.20 25.86 -3.82
CA THR A 52 -20.73 26.20 -5.14
C THR A 52 -19.82 25.62 -6.20
N VAL A 53 -20.38 24.75 -7.03
CA VAL A 53 -19.62 24.01 -8.03
C VAL A 53 -20.00 24.51 -9.42
N VAL A 54 -19.00 24.58 -10.29
CA VAL A 54 -19.26 24.76 -11.72
C VAL A 54 -19.47 23.37 -12.29
N VAL A 55 -20.67 23.10 -12.79
CA VAL A 55 -21.07 21.75 -13.18
C VAL A 55 -20.61 21.51 -14.61
N ALA A 56 -19.60 20.66 -14.78
CA ALA A 56 -19.17 20.28 -16.11
C ALA A 56 -20.11 19.26 -16.72
N ARG A 57 -20.56 18.29 -15.93
CA ARG A 57 -21.51 17.30 -16.44
C ARG A 57 -22.24 16.63 -15.30
N VAL A 58 -23.51 16.29 -15.52
CA VAL A 58 -24.26 15.44 -14.61
C VAL A 58 -24.08 14.01 -15.08
N ILE A 59 -23.40 13.19 -14.27
CA ILE A 59 -23.15 11.81 -14.65
C ILE A 59 -24.40 10.96 -14.45
N ARG A 60 -24.98 11.04 -13.26
CA ARG A 60 -26.24 10.36 -12.98
C ARG A 60 -26.89 11.02 -11.78
N GLN A 61 -28.21 10.93 -11.71
CA GLN A 61 -28.92 11.37 -10.52
C GLN A 61 -30.28 10.68 -10.48
N THR A 62 -30.75 10.44 -9.26
CA THR A 62 -32.01 9.78 -9.01
C THR A 62 -33.15 10.77 -8.83
N LEU A 63 -32.82 12.05 -8.74
CA LEU A 63 -33.76 13.13 -8.51
C LEU A 63 -33.31 14.31 -9.34
N PRO A 64 -34.22 15.21 -9.69
CA PRO A 64 -33.82 16.38 -10.52
C PRO A 64 -33.09 17.42 -9.69
N LEU A 65 -31.90 17.06 -9.23
CA LEU A 65 -31.12 17.98 -8.39
C LEU A 65 -30.34 18.96 -9.24
N PHE A 66 -29.65 18.47 -10.26
CA PHE A 66 -28.74 19.27 -11.06
C PHE A 66 -29.09 19.28 -12.55
N LYS A 67 -28.49 20.25 -13.25
CA LYS A 67 -28.52 20.41 -14.70
C LYS A 67 -27.15 20.96 -15.11
N GLU A 68 -26.83 20.88 -16.39
CA GLU A 68 -25.54 21.34 -16.88
C GLU A 68 -25.71 22.49 -17.87
N GLY A 69 -25.02 23.60 -17.59
CA GLY A 69 -25.05 24.77 -18.44
C GLY A 69 -26.24 25.68 -18.14
N SER A 70 -26.21 26.86 -18.74
CA SER A 70 -27.24 27.87 -18.52
C SER A 70 -27.17 28.91 -19.63
N SER A 71 -28.04 29.92 -19.53
CA SER A 71 -28.03 31.01 -20.50
C SER A 71 -26.77 31.87 -20.38
N GLU A 72 -26.15 31.88 -19.20
CA GLU A 72 -24.88 32.56 -19.01
C GLU A 72 -23.71 31.70 -19.47
N GLY A 73 -23.96 30.47 -19.88
CA GLY A 73 -22.90 29.55 -20.26
C GLY A 73 -22.77 28.41 -19.28
N GLN A 74 -21.77 28.48 -18.41
CA GLN A 74 -21.59 27.48 -17.38
C GLN A 74 -22.73 27.54 -16.38
N GLY A 75 -23.11 26.39 -15.86
CA GLY A 75 -24.08 26.30 -14.77
C GLY A 75 -23.39 26.08 -13.44
N ARG A 76 -23.92 26.71 -12.40
CA ARG A 76 -23.43 26.52 -11.04
C ARG A 76 -24.55 25.98 -10.15
N ALA A 77 -24.15 25.24 -9.13
CA ALA A 77 -25.08 24.64 -8.18
C ALA A 77 -24.32 24.38 -6.89
N SER A 78 -25.05 24.14 -5.81
CA SER A 78 -24.41 24.06 -4.51
C SER A 78 -24.66 22.73 -3.82
N ILE A 79 -23.70 22.36 -2.97
CA ILE A 79 -23.69 21.11 -2.22
C ILE A 79 -23.31 21.45 -0.80
N ARG A 80 -24.06 20.89 0.16
CA ARG A 80 -23.79 21.13 1.57
C ARG A 80 -22.82 20.09 2.13
N THR A 81 -22.05 20.50 3.13
CA THR A 81 -21.25 19.58 3.92
C THR A 81 -21.08 20.19 5.30
N LEU A 82 -20.34 19.50 6.17
CA LEU A 82 -20.06 19.99 7.50
C LEU A 82 -18.92 21.02 7.44
N LEU A 83 -19.05 22.05 8.27
CA LEU A 83 -17.99 23.07 8.31
C LEU A 83 -16.66 22.46 8.72
N ARG A 84 -16.66 21.47 9.59
CA ARG A 84 -15.41 20.92 10.09
C ARG A 84 -14.66 20.13 9.03
N CYS A 85 -15.29 19.78 7.92
CA CYS A 85 -14.58 19.10 6.85
C CYS A 85 -13.59 20.02 6.14
N GLY A 86 -13.73 21.34 6.28
CA GLY A 86 -12.70 22.25 5.81
C GLY A 86 -12.57 22.37 4.32
N VAL A 87 -13.66 22.21 3.57
CA VAL A 87 -13.59 22.30 2.12
C VAL A 87 -13.25 23.73 1.71
N ARG A 88 -12.39 23.85 0.70
CA ARG A 88 -11.83 25.11 0.24
C ARG A 88 -11.99 25.20 -1.27
N PRO A 89 -12.11 26.41 -1.81
CA PRO A 89 -12.02 26.54 -3.27
C PRO A 89 -10.58 26.29 -3.67
N GLY A 90 -10.40 25.99 -4.95
CA GLY A 90 -9.11 25.61 -5.42
C GLY A 90 -9.20 25.13 -6.85
N PRO A 91 -8.06 24.91 -7.46
CA PRO A 91 -8.06 24.30 -8.79
C PRO A 91 -8.32 22.82 -8.62
N GLY A 92 -8.61 22.18 -9.71
CA GLY A 92 -8.87 20.76 -9.60
C GLY A 92 -10.31 20.46 -9.95
N SER A 93 -10.51 19.35 -10.66
CA SER A 93 -11.82 18.88 -11.06
C SER A 93 -12.12 17.64 -10.23
N PHE A 94 -13.36 17.53 -9.77
CA PHE A 94 -13.76 16.49 -8.83
C PHE A 94 -15.01 15.81 -9.35
N LEU A 95 -15.24 14.60 -8.85
CA LEU A 95 -16.52 13.91 -9.01
C LEU A 95 -17.26 13.93 -7.68
N PHE A 96 -18.19 14.87 -7.53
CA PHE A 96 -18.97 14.98 -6.32
C PHE A 96 -20.11 13.97 -6.34
N MET A 97 -20.30 13.26 -5.24
CA MET A 97 -21.40 12.30 -5.11
C MET A 97 -21.99 12.43 -3.71
N GLY A 98 -23.29 12.20 -3.62
CA GLY A 98 -23.93 12.31 -2.33
C GLY A 98 -25.42 12.06 -2.39
N TRP A 99 -26.10 12.51 -1.35
CA TRP A 99 -27.51 12.26 -1.14
C TRP A 99 -28.27 13.58 -1.06
N SER A 100 -29.59 13.48 -1.16
CA SER A 100 -30.49 14.62 -1.11
C SER A 100 -31.19 14.66 0.25
N ARG A 101 -31.37 15.87 0.78
CA ARG A 101 -32.15 16.04 2.01
C ARG A 101 -32.94 17.33 1.87
N PHE A 102 -34.27 17.23 1.93
CA PHE A 102 -35.16 18.38 1.69
C PHE A 102 -34.84 19.04 0.35
N GLY A 103 -34.45 18.23 -0.63
CA GLY A 103 -34.12 18.76 -1.94
C GLY A 103 -32.76 19.41 -2.06
N GLU A 104 -31.95 19.39 -1.01
CA GLU A 104 -30.60 19.94 -1.08
C GLU A 104 -29.58 18.82 -1.21
N ALA A 105 -28.57 19.05 -2.06
CA ALA A 105 -27.49 18.09 -2.20
C ALA A 105 -26.57 18.14 -0.99
N TRP A 106 -26.19 16.96 -0.50
CA TRP A 106 -25.23 16.80 0.59
C TRP A 106 -24.05 15.97 0.10
N LEU A 107 -22.85 16.33 0.54
CA LEU A 107 -21.64 15.71 0.00
C LEU A 107 -21.32 14.40 0.70
N GLY A 108 -21.21 13.33 -0.08
CA GLY A 108 -20.74 12.04 0.42
C GLY A 108 -19.28 11.75 0.12
N CYS A 109 -18.88 11.85 -1.14
CA CYS A 109 -17.49 11.66 -1.54
C CYS A 109 -17.14 12.71 -2.59
N ALA A 110 -15.86 13.11 -2.65
CA ALA A 110 -15.40 14.06 -3.66
C ALA A 110 -13.99 13.73 -4.11
N PRO A 111 -13.81 12.59 -4.76
CA PRO A 111 -12.49 12.29 -5.33
C PRO A 111 -12.17 13.23 -6.50
N ARG A 112 -10.88 13.45 -6.71
CA ARG A 112 -10.47 14.08 -7.96
C ARG A 112 -11.02 13.27 -9.12
N PHE A 113 -11.42 13.95 -10.19
CA PHE A 113 -12.02 13.25 -11.32
C PHE A 113 -11.09 12.17 -11.88
N GLN A 114 -9.81 12.50 -12.05
CA GLN A 114 -8.90 11.51 -12.63
C GLN A 114 -8.75 10.30 -11.71
N GLU A 115 -8.87 10.50 -10.42
CA GLU A 115 -8.75 9.39 -9.45
C GLU A 115 -9.98 8.48 -9.59
N PHE A 116 -11.18 9.05 -9.63
CA PHE A 116 -12.33 8.17 -9.78
C PHE A 116 -12.30 7.49 -11.13
N SER A 117 -11.81 8.19 -12.17
CA SER A 117 -11.72 7.57 -13.47
C SER A 117 -10.83 6.33 -13.42
N ARG A 118 -9.71 6.42 -12.71
CA ARG A 118 -8.85 5.24 -12.55
C ARG A 118 -9.62 4.11 -11.87
N VAL A 119 -10.30 4.42 -10.76
CA VAL A 119 -11.01 3.42 -9.98
C VAL A 119 -12.07 2.74 -10.84
N TYR A 120 -12.87 3.53 -11.54
CA TYR A 120 -13.93 2.97 -12.38
C TYR A 120 -13.35 2.11 -13.50
N SER A 121 -12.26 2.56 -14.14
CA SER A 121 -11.63 1.75 -15.17
C SER A 121 -11.20 0.39 -14.62
N ALA A 122 -10.57 0.40 -13.44
CA ALA A 122 -10.16 -0.86 -12.82
C ALA A 122 -11.36 -1.72 -12.49
N ALA A 123 -12.43 -1.12 -11.98
CA ALA A 123 -13.63 -1.88 -11.64
C ALA A 123 -14.29 -2.46 -12.87
N LEU A 124 -14.42 -1.66 -13.93
CA LEU A 124 -15.02 -2.14 -15.16
C LEU A 124 -14.21 -3.30 -15.72
N THR A 125 -12.88 -3.14 -15.74
CA THR A 125 -11.99 -4.17 -16.28
C THR A 125 -12.07 -5.46 -15.49
N THR A 126 -12.30 -5.40 -14.20
CA THR A 126 -12.41 -6.60 -13.38
C THR A 126 -13.85 -7.11 -13.24
N HIS A 127 -14.82 -6.41 -13.84
CA HIS A 127 -16.24 -6.71 -13.66
C HIS A 127 -16.66 -6.67 -12.20
N LEU A 128 -16.06 -5.76 -11.45
CA LEU A 128 -16.45 -5.47 -10.08
C LEU A 128 -17.25 -4.18 -9.97
N ASN A 129 -17.56 -3.51 -11.07
CA ASN A 129 -18.37 -2.29 -11.00
C ASN A 129 -19.81 -2.67 -10.69
N PRO A 130 -20.43 -2.11 -9.64
CA PRO A 130 -21.82 -2.47 -9.34
C PRO A 130 -22.80 -1.90 -10.34
N CYS A 131 -22.39 -0.90 -11.12
CA CYS A 131 -23.24 -0.33 -12.15
C CYS A 131 -22.35 0.24 -13.24
N GLU A 132 -22.97 0.66 -14.33
CA GLU A 132 -22.28 1.33 -15.41
C GLU A 132 -22.59 2.81 -15.36
N MET A 133 -21.63 3.62 -15.78
CA MET A 133 -21.88 5.04 -15.97
C MET A 133 -20.89 5.59 -16.98
N ALA A 134 -21.29 6.67 -17.62
CA ALA A 134 -20.50 7.34 -18.65
C ALA A 134 -19.86 8.57 -18.03
N LEU A 135 -18.54 8.51 -17.83
CA LEU A 135 -17.82 9.59 -17.18
C LEU A 135 -17.41 10.69 -18.16
N ASP A 136 -17.34 10.39 -19.44
CA ASP A 136 -16.86 11.36 -20.43
C ASP A 136 -17.87 12.46 -20.70
N ALA B 13 20.50 -9.24 -10.23
CA ALA B 13 20.16 -10.57 -10.71
C ALA B 13 19.44 -11.38 -9.63
N CYS B 14 19.60 -11.00 -8.36
CA CYS B 14 18.94 -11.72 -7.29
C CYS B 14 17.70 -11.01 -6.74
N ARG B 15 17.40 -9.80 -7.20
CA ARG B 15 16.26 -9.11 -6.62
C ARG B 15 14.95 -9.83 -6.98
N PRO B 16 13.96 -9.76 -6.11
CA PRO B 16 12.67 -10.40 -6.43
C PRO B 16 12.03 -9.79 -7.67
N CYS B 17 11.36 -10.65 -8.43
CA CYS B 17 10.61 -10.17 -9.59
C CYS B 17 9.38 -9.42 -9.11
N SER B 18 9.12 -8.27 -9.72
CA SER B 18 7.88 -7.55 -9.47
C SER B 18 6.70 -8.34 -10.02
N ASP B 19 5.49 -7.99 -9.59
CA ASP B 19 4.31 -8.69 -10.09
C ASP B 19 4.21 -8.56 -11.60
N ALA B 20 4.55 -7.40 -12.16
CA ALA B 20 4.53 -7.28 -13.62
C ALA B 20 5.52 -8.24 -14.25
N GLU B 21 6.72 -8.34 -13.70
CA GLU B 21 7.73 -9.25 -14.23
C GLU B 21 7.31 -10.71 -14.08
N LEU B 22 6.71 -11.07 -12.96
CA LEU B 22 6.26 -12.44 -12.75
C LEU B 22 5.31 -12.90 -13.84
N LEU B 23 4.36 -12.04 -14.20
CA LEU B 23 3.34 -12.38 -15.19
C LEU B 23 3.98 -12.70 -16.54
N LEU B 24 4.90 -11.85 -16.98
CA LEU B 24 5.56 -12.09 -18.26
CA LEU B 24 5.56 -12.09 -18.25
C LEU B 24 6.49 -13.31 -18.17
N ALA B 25 7.24 -13.42 -17.09
CA ALA B 25 8.18 -14.52 -16.93
C ALA B 25 7.45 -15.87 -16.95
N ALA B 26 6.29 -15.95 -16.31
CA ALA B 26 5.57 -17.23 -16.24
C ALA B 26 5.14 -17.71 -17.62
N CYS B 27 4.96 -16.81 -18.56
CA CYS B 27 4.59 -17.19 -19.92
C CYS B 27 5.78 -17.42 -20.84
N THR B 28 6.90 -16.73 -20.61
CA THR B 28 8.05 -16.86 -21.48
C THR B 28 9.08 -17.86 -20.97
N SER B 29 8.94 -18.36 -19.74
CA SER B 29 9.92 -19.24 -19.16
C SER B 29 9.92 -20.61 -19.84
N ASP B 30 11.07 -21.28 -19.78
CA ASP B 30 11.12 -22.66 -20.23
C ASP B 30 10.41 -23.60 -19.27
N PHE B 31 10.29 -23.23 -18.00
CA PHE B 31 9.59 -24.08 -17.03
C PHE B 31 8.89 -23.24 -15.98
N VAL B 32 7.80 -23.79 -15.46
CA VAL B 32 7.08 -23.23 -14.32
C VAL B 32 6.65 -24.42 -13.46
N ILE B 33 7.17 -24.50 -12.24
CA ILE B 33 6.84 -25.62 -11.37
C ILE B 33 6.48 -25.13 -9.98
N HIS B 34 5.63 -25.90 -9.30
CA HIS B 34 5.20 -25.67 -7.93
C HIS B 34 5.91 -26.65 -7.01
N GLY B 35 6.58 -26.15 -5.98
CA GLY B 35 7.20 -27.06 -5.04
C GLY B 35 7.77 -26.36 -3.82
N THR B 36 8.44 -27.16 -3.00
CA THR B 36 9.12 -26.71 -1.79
C THR B 36 10.60 -26.99 -1.92
N ILE B 37 11.40 -26.27 -1.13
CA ILE B 37 12.85 -26.42 -1.15
C ILE B 37 13.28 -27.43 -0.11
N HIS B 38 13.84 -28.55 -0.56
CA HIS B 38 14.32 -29.57 0.36
C HIS B 38 15.72 -29.30 0.85
N GLY B 39 16.61 -28.82 -0.03
CA GLY B 39 17.97 -28.52 0.37
C GLY B 39 18.61 -27.64 -0.70
N VAL B 40 19.74 -27.04 -0.31
CA VAL B 40 20.52 -26.23 -1.23
C VAL B 40 21.99 -26.64 -1.08
N ALA B 41 22.62 -26.92 -2.23
CA ALA B 41 24.03 -27.23 -2.32
C ALA B 41 24.75 -26.07 -3.01
N HIS B 42 25.96 -25.77 -2.56
CA HIS B 42 26.71 -24.62 -3.07
C HIS B 42 28.00 -25.05 -3.73
N ASP B 43 28.24 -24.52 -4.93
CA ASP B 43 29.50 -24.71 -5.67
C ASP B 43 30.28 -23.42 -5.51
N THR B 44 31.29 -23.44 -4.65
CA THR B 44 32.03 -22.23 -4.34
C THR B 44 33.09 -21.89 -5.38
N GLU B 45 33.33 -22.78 -6.34
CA GLU B 45 34.21 -22.48 -7.46
C GLU B 45 33.46 -21.79 -8.59
N LEU B 46 32.33 -22.34 -9.01
CA LEU B 46 31.49 -21.68 -9.99
C LEU B 46 30.65 -20.55 -9.40
N GLN B 47 30.57 -20.47 -8.07
CA GLN B 47 29.74 -19.49 -7.38
C GLN B 47 28.28 -19.62 -7.81
N GLU B 48 27.80 -20.85 -7.78
CA GLU B 48 26.44 -21.22 -8.11
C GLU B 48 25.89 -22.11 -7.00
N SER B 49 24.56 -22.08 -6.87
CA SER B 49 23.85 -22.94 -5.95
C SER B 49 22.96 -23.88 -6.74
N VAL B 50 22.75 -25.08 -6.20
CA VAL B 50 21.86 -26.07 -6.78
C VAL B 50 20.75 -26.29 -5.76
N ILE B 51 19.52 -25.92 -6.12
CA ILE B 51 18.36 -25.99 -5.26
C ILE B 51 17.64 -27.29 -5.56
N THR B 52 17.43 -28.13 -4.56
CA THR B 52 16.65 -29.35 -4.76
C THR B 52 15.23 -29.10 -4.27
N VAL B 53 14.27 -29.26 -5.18
CA VAL B 53 12.87 -28.95 -4.92
C VAL B 53 12.10 -30.26 -4.91
N VAL B 54 11.11 -30.34 -4.02
CA VAL B 54 10.09 -31.39 -4.06
C VAL B 54 9.01 -30.89 -5.02
N VAL B 55 8.83 -31.58 -6.13
CA VAL B 55 7.97 -31.08 -7.21
C VAL B 55 6.53 -31.51 -6.94
N ALA B 56 5.69 -30.55 -6.57
CA ALA B 56 4.27 -30.83 -6.39
C ALA B 56 3.54 -30.89 -7.73
N ARG B 57 3.87 -29.98 -8.66
CA ARG B 57 3.21 -29.99 -9.95
C ARG B 57 4.09 -29.27 -10.97
N VAL B 58 4.11 -29.80 -12.18
CA VAL B 58 4.69 -29.12 -13.32
C VAL B 58 3.56 -28.34 -13.97
N ILE B 59 3.63 -27.01 -13.92
CA ILE B 59 2.57 -26.18 -14.47
C ILE B 59 2.68 -26.12 -15.99
N ARG B 60 3.85 -25.77 -16.49
CA ARG B 60 4.11 -25.78 -17.92
C ARG B 60 5.61 -25.87 -18.14
N GLN B 61 6.01 -26.43 -19.27
CA GLN B 61 7.41 -26.38 -19.68
C GLN B 61 7.49 -26.56 -21.18
N THR B 62 8.49 -25.93 -21.78
CA THR B 62 8.72 -25.93 -23.21
C THR B 62 9.68 -27.03 -23.65
N LEU B 63 10.32 -27.71 -22.70
CA LEU B 63 11.35 -28.71 -22.93
C LEU B 63 11.14 -29.73 -21.83
N PRO B 64 11.48 -30.99 -22.06
CA PRO B 64 11.19 -31.98 -20.98
C PRO B 64 12.20 -31.95 -19.84
N LEU B 65 12.15 -30.87 -19.06
CA LEU B 65 13.08 -30.68 -17.96
C LEU B 65 12.66 -31.46 -16.71
N PHE B 66 11.38 -31.43 -16.37
CA PHE B 66 10.86 -32.03 -15.15
C PHE B 66 9.95 -33.19 -15.55
N LYS B 67 9.78 -34.13 -14.62
CA LYS B 67 8.97 -35.31 -14.89
C LYS B 67 7.48 -35.10 -14.70
N GLN B 74 6.60 -37.73 -3.65
CA GLN B 74 6.79 -36.85 -4.80
C GLN B 74 8.27 -36.82 -5.22
N GLY B 75 8.48 -36.66 -6.52
CA GLY B 75 9.82 -36.54 -7.07
C GLY B 75 10.51 -35.24 -6.67
N ARG B 76 11.83 -35.29 -6.73
CA ARG B 76 12.68 -34.12 -6.51
C ARG B 76 13.46 -33.84 -7.79
N ALA B 77 13.83 -32.57 -7.96
CA ALA B 77 14.59 -32.12 -9.11
C ALA B 77 15.33 -30.87 -8.69
N SER B 78 16.31 -30.47 -9.49
CA SER B 78 17.17 -29.37 -9.09
C SER B 78 17.14 -28.20 -10.07
N ILE B 79 17.38 -27.03 -9.51
CA ILE B 79 17.39 -25.76 -10.23
C ILE B 79 18.64 -24.99 -9.79
N ARG B 80 19.36 -24.44 -10.76
CA ARG B 80 20.56 -23.68 -10.46
C ARG B 80 20.22 -22.20 -10.27
N THR B 81 21.02 -21.53 -9.44
CA THR B 81 20.99 -20.08 -9.34
C THR B 81 22.37 -19.61 -8.94
N LEU B 82 22.52 -18.30 -8.76
CA LEU B 82 23.78 -17.75 -8.32
C LEU B 82 23.95 -17.93 -6.81
N LEU B 83 25.18 -18.20 -6.38
CA LEU B 83 25.44 -18.36 -4.95
C LEU B 83 25.07 -17.10 -4.19
N ARG B 84 25.31 -15.93 -4.78
CA ARG B 84 25.10 -14.67 -4.06
C ARG B 84 23.63 -14.39 -3.79
N CYS B 85 22.71 -15.11 -4.44
CA CYS B 85 21.30 -14.92 -4.13
C CYS B 85 20.92 -15.47 -2.76
N GLY B 86 21.74 -16.33 -2.17
CA GLY B 86 21.54 -16.72 -0.79
C GLY B 86 20.34 -17.59 -0.53
N VAL B 87 19.95 -18.42 -1.50
CA VAL B 87 18.76 -19.24 -1.35
C VAL B 87 18.96 -20.28 -0.26
N ARG B 88 17.94 -20.45 0.56
CA ARG B 88 18.03 -21.37 1.69
C ARG B 88 16.80 -22.27 1.75
N PRO B 89 16.95 -23.46 2.33
CA PRO B 89 15.76 -24.28 2.57
C PRO B 89 14.89 -23.66 3.65
N GLY B 90 13.64 -24.11 3.68
CA GLY B 90 12.65 -23.51 4.53
C GLY B 90 11.29 -24.07 4.21
N PRO B 91 10.31 -23.75 5.04
CA PRO B 91 8.93 -24.12 4.75
C PRO B 91 8.38 -23.12 3.74
N GLY B 92 7.24 -23.46 3.18
CA GLY B 92 6.67 -22.53 2.23
C GLY B 92 6.78 -23.14 0.85
N SER B 93 5.76 -22.93 0.03
CA SER B 93 5.76 -23.44 -1.33
C SER B 93 5.87 -22.27 -2.29
N PHE B 94 6.58 -22.52 -3.38
CA PHE B 94 6.94 -21.50 -4.34
C PHE B 94 6.54 -21.94 -5.73
N LEU B 95 6.41 -20.96 -6.61
CA LEU B 95 6.28 -21.22 -8.05
C LEU B 95 7.61 -20.84 -8.69
N PHE B 96 8.45 -21.83 -8.96
CA PHE B 96 9.74 -21.60 -9.59
C PHE B 96 9.56 -21.48 -11.10
N MET B 97 10.19 -20.48 -11.70
CA MET B 97 10.13 -20.28 -13.15
C MET B 97 11.52 -19.90 -13.61
N GLY B 98 11.85 -20.33 -14.82
CA GLY B 98 13.17 -20.02 -15.34
C GLY B 98 13.39 -20.60 -16.71
N TRP B 99 14.66 -20.67 -17.08
CA TRP B 99 15.11 -21.07 -18.39
C TRP B 99 16.05 -22.27 -18.28
N SER B 100 16.32 -22.89 -19.42
CA SER B 100 17.19 -24.05 -19.52
C SER B 100 18.55 -23.65 -20.10
N ARG B 101 19.62 -24.25 -19.58
CA ARG B 101 20.94 -24.07 -20.17
C ARG B 101 21.66 -25.41 -20.11
N PHE B 102 22.06 -25.94 -21.26
CA PHE B 102 22.67 -27.28 -21.33
C PHE B 102 21.78 -28.34 -20.67
N GLY B 103 20.48 -28.16 -20.76
CA GLY B 103 19.54 -29.09 -20.15
C GLY B 103 19.36 -28.93 -18.65
N GLU B 104 19.97 -27.93 -18.04
CA GLU B 104 19.78 -27.66 -16.62
C GLU B 104 18.84 -26.49 -16.42
N ALA B 105 17.94 -26.62 -15.45
CA ALA B 105 17.03 -25.53 -15.12
C ALA B 105 17.76 -24.44 -14.34
N TRP B 106 17.51 -23.20 -14.72
CA TRP B 106 18.04 -22.02 -14.04
C TRP B 106 16.89 -21.16 -13.54
N LEU B 107 17.06 -20.57 -12.36
CA LEU B 107 15.98 -19.85 -11.68
C LEU B 107 15.90 -18.41 -12.15
N GLY B 108 14.72 -18.01 -12.62
CA GLY B 108 14.41 -16.62 -12.92
C GLY B 108 13.63 -15.89 -11.84
N CYS B 109 12.52 -16.48 -11.41
CA CYS B 109 11.70 -15.92 -10.34
C CYS B 109 11.26 -17.06 -9.45
N ALA B 110 11.02 -16.77 -8.17
CA ALA B 110 10.50 -17.75 -7.22
C ALA B 110 9.56 -17.10 -6.23
N PRO B 111 8.41 -16.61 -6.69
CA PRO B 111 7.40 -16.10 -5.76
C PRO B 111 6.78 -17.21 -4.94
N ARG B 112 6.29 -16.86 -3.76
CA ARG B 112 5.42 -17.77 -3.02
C ARG B 112 4.24 -18.16 -3.90
N PHE B 113 3.81 -19.42 -3.78
CA PHE B 113 2.74 -19.91 -4.65
C PHE B 113 1.46 -19.09 -4.50
N GLN B 114 1.05 -18.82 -3.27
CA GLN B 114 -0.18 -18.05 -3.09
C GLN B 114 -0.05 -16.63 -3.65
N GLU B 115 1.15 -16.05 -3.62
CA GLU B 115 1.30 -14.72 -4.19
C GLU B 115 1.16 -14.77 -5.71
N PHE B 116 1.83 -15.73 -6.36
CA PHE B 116 1.64 -15.80 -7.80
C PHE B 116 0.21 -16.17 -8.17
N SER B 117 -0.44 -17.01 -7.37
CA SER B 117 -1.83 -17.36 -7.64
C SER B 117 -2.71 -16.11 -7.63
N ARG B 118 -2.48 -15.21 -6.67
CA ARG B 118 -3.21 -13.93 -6.66
C ARG B 118 -2.95 -13.15 -7.95
N VAL B 119 -1.69 -13.02 -8.32
CA VAL B 119 -1.31 -12.22 -9.50
C VAL B 119 -1.97 -12.78 -10.74
N TYR B 120 -1.88 -14.10 -10.94
CA TYR B 120 -2.49 -14.72 -12.10
C TYR B 120 -4.00 -14.57 -12.10
N SER B 121 -4.65 -14.77 -10.96
CA SER B 121 -6.09 -14.56 -10.89
C SER B 121 -6.45 -13.14 -11.31
N ALA B 122 -5.71 -12.16 -10.79
CA ALA B 122 -5.97 -10.77 -11.13
C ALA B 122 -5.73 -10.51 -12.61
N ALA B 123 -4.65 -11.07 -13.16
CA ALA B 123 -4.35 -10.88 -14.58
C ALA B 123 -5.41 -11.53 -15.45
N LEU B 124 -5.83 -12.75 -15.09
CA LEU B 124 -6.87 -13.42 -15.86
C LEU B 124 -8.16 -12.61 -15.85
N THR B 125 -8.54 -12.12 -14.67
CA THR B 125 -9.80 -11.38 -14.55
C THR B 125 -9.76 -10.10 -15.37
N THR B 126 -8.59 -9.47 -15.46
CA THR B 126 -8.46 -8.22 -16.20
C THR B 126 -8.08 -8.42 -17.66
N HIS B 127 -7.93 -9.65 -18.13
CA HIS B 127 -7.46 -9.93 -19.47
C HIS B 127 -6.09 -9.33 -19.73
N LEU B 128 -5.26 -9.25 -18.69
CA LEU B 128 -3.87 -8.81 -18.83
C LEU B 128 -2.89 -9.97 -18.80
N ASN B 129 -3.37 -11.21 -18.70
CA ASN B 129 -2.48 -12.36 -18.72
C ASN B 129 -1.95 -12.61 -20.13
N PRO B 130 -0.64 -12.70 -20.33
CA PRO B 130 -0.12 -12.96 -21.69
C PRO B 130 -0.36 -14.38 -22.17
N CYS B 131 -0.64 -15.30 -21.25
CA CYS B 131 -0.93 -16.68 -21.61
C CYS B 131 -1.83 -17.25 -20.53
N GLU B 132 -2.34 -18.45 -20.76
CA GLU B 132 -3.08 -19.18 -19.74
C GLU B 132 -2.28 -20.35 -19.21
N MET B 133 -2.52 -20.70 -17.95
CA MET B 133 -1.95 -21.90 -17.35
C MET B 133 -2.84 -22.35 -16.21
N ALA B 134 -2.72 -23.65 -15.88
CA ALA B 134 -3.50 -24.28 -14.82
C ALA B 134 -2.61 -24.41 -13.60
N LEU B 135 -2.89 -23.63 -12.56
CA LEU B 135 -2.02 -23.62 -11.39
C LEU B 135 -2.32 -24.73 -10.39
N ASP B 136 -3.51 -25.33 -10.42
CA ASP B 136 -3.87 -26.33 -9.43
C ASP B 136 -3.31 -27.68 -9.83
N ALA C 13 -3.83 7.16 29.30
CA ALA C 13 -3.65 6.98 27.86
C ALA C 13 -2.60 5.92 27.57
N CYS C 14 -1.67 5.69 28.51
CA CYS C 14 -0.71 4.60 28.37
C CYS C 14 -0.99 3.40 29.27
N ARG C 15 -1.96 3.49 30.18
CA ARG C 15 -2.15 2.39 31.10
C ARG C 15 -2.58 1.13 30.34
N PRO C 16 -2.21 -0.05 30.83
CA PRO C 16 -2.63 -1.28 30.15
C PRO C 16 -4.16 -1.37 30.08
N CYS C 17 -4.63 -1.97 28.99
CA CYS C 17 -6.07 -2.18 28.83
C CYS C 17 -6.53 -3.29 29.77
N SER C 18 -7.70 -3.08 30.39
CA SER C 18 -8.34 -4.12 31.17
C SER C 18 -8.74 -5.28 30.27
N ASP C 19 -9.04 -6.43 30.89
CA ASP C 19 -9.48 -7.55 30.07
C ASP C 19 -10.75 -7.22 29.30
N ALA C 20 -11.69 -6.51 29.94
CA ALA C 20 -12.90 -6.09 29.24
C ALA C 20 -12.56 -5.13 28.10
N GLU C 21 -11.66 -4.19 28.36
CA GLU C 21 -11.25 -3.24 27.32
C GLU C 21 -10.56 -3.96 26.16
N LEU C 22 -9.71 -4.93 26.47
CA LEU C 22 -9.05 -5.68 25.40
C LEU C 22 -10.06 -6.32 24.46
N LEU C 23 -11.09 -6.93 25.04
CA LEU C 23 -12.08 -7.66 24.25
C LEU C 23 -12.83 -6.71 23.32
N LEU C 24 -13.26 -5.55 23.85
CA LEU C 24 -13.96 -4.59 23.02
C LEU C 24 -13.03 -4.00 21.96
N ALA C 25 -11.81 -3.64 22.34
CA ALA C 25 -10.86 -3.06 21.39
C ALA C 25 -10.57 -4.03 20.25
N ALA C 26 -10.45 -5.31 20.56
CA ALA C 26 -10.11 -6.29 19.51
C ALA C 26 -11.20 -6.35 18.44
N CYS C 27 -12.43 -6.01 18.81
CA CYS C 27 -13.54 -6.00 17.87
C CYS C 27 -13.75 -4.65 17.19
N THR C 28 -13.46 -3.53 17.86
CA THR C 28 -13.70 -2.22 17.26
C THR C 28 -12.49 -1.61 16.58
N SER C 29 -11.31 -2.21 16.75
CA SER C 29 -10.07 -1.63 16.22
C SER C 29 -10.00 -1.72 14.70
N ASP C 30 -9.23 -0.79 14.10
CA ASP C 30 -8.90 -0.89 12.69
C ASP C 30 -7.89 -1.99 12.39
N PHE C 31 -7.11 -2.43 13.38
CA PHE C 31 -6.18 -3.52 13.13
C PHE C 31 -6.00 -4.34 14.41
N VAL C 32 -5.75 -5.63 14.22
CA VAL C 32 -5.38 -6.56 15.29
C VAL C 32 -4.31 -7.46 14.67
N ILE C 33 -3.08 -7.36 15.17
CA ILE C 33 -2.00 -8.16 14.61
C ILE C 33 -1.15 -8.79 15.70
N HIS C 34 -0.60 -9.96 15.38
CA HIS C 34 0.30 -10.71 16.24
C HIS C 34 1.72 -10.47 15.75
N GLY C 35 2.59 -10.02 16.63
CA GLY C 35 3.97 -9.85 16.23
C GLY C 35 4.89 -9.54 17.40
N THR C 36 6.15 -9.28 17.05
CA THR C 36 7.20 -8.96 17.99
C THR C 36 7.75 -7.57 17.67
N ILE C 37 8.38 -6.95 18.65
CA ILE C 37 8.92 -5.60 18.48
C ILE C 37 10.38 -5.68 18.04
N HIS C 38 10.64 -5.21 16.81
CA HIS C 38 11.99 -5.23 16.29
C HIS C 38 12.79 -4.00 16.73
N GLY C 39 12.16 -2.83 16.75
CA GLY C 39 12.84 -1.62 17.18
C GLY C 39 11.84 -0.52 17.46
N VAL C 40 12.31 0.49 18.17
CA VAL C 40 11.49 1.66 18.50
C VAL C 40 12.29 2.92 18.18
N ALA C 41 11.68 3.81 17.42
CA ALA C 41 12.24 5.11 17.07
C ALA C 41 11.44 6.18 17.79
N HIS C 42 12.11 7.24 18.24
CA HIS C 42 11.46 8.29 19.01
C HIS C 42 11.55 9.63 18.31
N ASP C 43 10.40 10.30 18.21
CA ASP C 43 10.30 11.66 17.68
C ASP C 43 10.12 12.58 18.88
N THR C 44 11.19 13.27 19.28
CA THR C 44 11.18 14.08 20.48
C THR C 44 10.54 15.45 20.27
N GLU C 45 10.26 15.84 19.03
CA GLU C 45 9.51 17.07 18.80
C GLU C 45 8.01 16.84 18.93
N LEU C 46 7.50 15.82 18.23
CA LEU C 46 6.11 15.43 18.36
C LEU C 46 5.82 14.65 19.65
N GLN C 47 6.86 14.19 20.35
CA GLN C 47 6.70 13.36 21.55
C GLN C 47 5.89 12.11 21.23
N GLU C 48 6.31 11.43 20.17
CA GLU C 48 5.71 10.19 19.69
C GLU C 48 6.80 9.17 19.48
N SER C 49 6.44 7.91 19.58
CA SER C 49 7.31 6.79 19.28
C SER C 49 6.75 6.04 18.08
N VAL C 50 7.64 5.46 17.28
CA VAL C 50 7.27 4.63 16.14
C VAL C 50 7.84 3.24 16.41
N ILE C 51 6.94 2.27 16.61
CA ILE C 51 7.29 0.90 16.95
C ILE C 51 7.31 0.11 15.66
N THR C 52 8.43 -0.53 15.34
CA THR C 52 8.50 -1.39 14.16
C THR C 52 8.30 -2.84 14.62
N VAL C 53 7.27 -3.48 14.07
CA VAL C 53 6.87 -4.83 14.48
C VAL C 53 7.15 -5.80 13.35
N VAL C 54 7.57 -7.01 13.71
CA VAL C 54 7.59 -8.14 12.78
C VAL C 54 6.21 -8.79 12.83
N VAL C 55 5.54 -8.81 11.68
CA VAL C 55 4.13 -9.24 11.62
C VAL C 55 4.08 -10.77 11.48
N ALA C 56 3.70 -11.45 12.56
CA ALA C 56 3.53 -12.90 12.49
C ALA C 56 2.20 -13.27 11.84
N ARG C 57 1.13 -12.55 12.16
CA ARG C 57 -0.17 -12.82 11.57
C ARG C 57 -1.03 -11.57 11.66
N VAL C 58 -1.81 -11.31 10.62
CA VAL C 58 -2.85 -10.29 10.64
C VAL C 58 -4.14 -10.99 11.07
N ILE C 59 -4.65 -10.65 12.26
CA ILE C 59 -5.87 -11.28 12.75
C ILE C 59 -7.08 -10.67 12.06
N ARG C 60 -7.18 -9.34 12.08
CA ARG C 60 -8.22 -8.64 11.35
C ARG C 60 -7.76 -7.21 11.14
N GLN C 61 -8.26 -6.60 10.07
CA GLN C 61 -8.04 -5.17 9.84
C GLN C 61 -9.13 -4.67 8.92
N THR C 62 -9.48 -3.39 9.09
CA THR C 62 -10.53 -2.75 8.31
C THR C 62 -9.99 -2.06 7.07
N LEU C 63 -8.67 -1.97 6.95
CA LEU C 63 -7.95 -1.30 5.88
C LEU C 63 -6.65 -2.07 5.65
N PRO C 64 -6.05 -1.97 4.46
CA PRO C 64 -4.82 -2.76 4.19
C PRO C 64 -3.57 -2.16 4.84
N LEU C 65 -3.55 -2.19 6.16
CA LEU C 65 -2.46 -1.59 6.93
C LEU C 65 -1.26 -2.53 7.03
N PHE C 66 -1.49 -3.80 7.33
CA PHE C 66 -0.41 -4.75 7.59
C PHE C 66 -0.50 -5.95 6.66
N LYS C 67 0.65 -6.61 6.48
CA LYS C 67 0.75 -7.83 5.71
C LYS C 67 1.75 -8.76 6.37
N GLU C 68 1.39 -10.05 6.46
CA GLU C 68 2.33 -11.08 6.86
C GLU C 68 3.22 -11.41 5.67
N GLY C 69 4.53 -11.40 5.88
CA GLY C 69 5.46 -11.79 4.86
C GLY C 69 5.81 -10.67 3.90
N SER C 70 6.95 -10.86 3.23
CA SER C 70 7.47 -9.95 2.22
C SER C 70 8.36 -10.77 1.31
N SER C 71 8.89 -10.13 0.26
CA SER C 71 9.79 -10.84 -0.65
C SER C 71 11.07 -11.29 0.04
N GLU C 72 11.43 -10.68 1.17
CA GLU C 72 12.65 -11.03 1.89
C GLU C 72 12.39 -12.00 3.02
N GLY C 73 11.16 -12.51 3.15
CA GLY C 73 10.81 -13.41 4.21
C GLY C 73 9.74 -12.80 5.10
N GLN C 74 10.16 -12.26 6.23
CA GLN C 74 9.24 -11.64 7.17
C GLN C 74 8.82 -10.25 6.69
N GLY C 75 7.60 -9.88 7.06
CA GLY C 75 7.11 -8.52 6.84
C GLY C 75 7.20 -7.71 8.13
N ARG C 76 7.61 -6.45 7.99
CA ARG C 76 7.63 -5.50 9.10
C ARG C 76 6.79 -4.28 8.78
N ALA C 77 6.25 -3.66 9.82
CA ALA C 77 5.42 -2.48 9.67
C ALA C 77 5.49 -1.71 10.99
N SER C 78 5.01 -0.48 10.98
CA SER C 78 5.20 0.39 12.13
C SER C 78 3.88 0.86 12.72
N ILE C 79 3.92 1.14 14.02
CA ILE C 79 2.77 1.58 14.79
C ILE C 79 3.20 2.75 15.65
N ARG C 80 2.40 3.82 15.66
CA ARG C 80 2.71 5.00 16.45
C ARG C 80 2.10 4.88 17.84
N THR C 81 2.76 5.49 18.82
CA THR C 81 2.20 5.69 20.14
C THR C 81 2.83 6.94 20.75
N LEU C 82 2.46 7.25 22.00
CA LEU C 82 3.03 8.39 22.69
C LEU C 82 4.41 8.04 23.23
N LEU C 83 5.33 9.00 23.15
CA LEU C 83 6.67 8.77 23.68
C LEU C 83 6.61 8.44 25.17
N ARG C 84 5.67 9.04 25.89
CA ARG C 84 5.62 8.84 27.34
C ARG C 84 5.19 7.43 27.74
N CYS C 85 4.65 6.63 26.81
CA CYS C 85 4.30 5.26 27.15
C CYS C 85 5.53 4.37 27.37
N GLY C 86 6.68 4.78 26.86
CA GLY C 86 7.92 4.08 27.18
C GLY C 86 8.09 2.72 26.52
N VAL C 87 7.54 2.54 25.32
CA VAL C 87 7.66 1.26 24.63
C VAL C 87 9.11 1.00 24.24
N ARG C 88 9.54 -0.25 24.42
CA ARG C 88 10.92 -0.68 24.27
C ARG C 88 10.96 -1.98 23.46
N PRO C 89 12.02 -2.19 22.70
CA PRO C 89 12.18 -3.51 22.06
C PRO C 89 12.48 -4.54 23.13
N GLY C 90 12.27 -5.79 22.79
CA GLY C 90 12.35 -6.85 23.76
C GLY C 90 11.86 -8.14 23.19
N PRO C 91 12.03 -9.23 23.95
CA PRO C 91 11.45 -10.50 23.56
C PRO C 91 9.97 -10.48 23.91
N GLY C 92 9.26 -11.44 23.39
CA GLY C 92 7.86 -11.51 23.71
C GLY C 92 7.04 -11.18 22.47
N SER C 93 5.94 -11.88 22.30
CA SER C 93 5.04 -11.63 21.18
C SER C 93 3.77 -11.04 21.77
N PHE C 94 3.20 -10.08 21.04
CA PHE C 94 2.08 -9.28 21.50
C PHE C 94 0.98 -9.35 20.46
N LEU C 95 -0.23 -9.00 20.89
CA LEU C 95 -1.34 -8.75 19.99
C LEU C 95 -1.56 -7.24 20.00
N PHE C 96 -1.03 -6.56 18.99
CA PHE C 96 -1.20 -5.12 18.87
C PHE C 96 -2.57 -4.82 18.28
N MET C 97 -3.25 -3.86 18.88
CA MET C 97 -4.58 -3.42 18.46
C MET C 97 -4.58 -1.90 18.42
N GLY C 98 -5.31 -1.33 17.47
CA GLY C 98 -5.40 0.11 17.43
C GLY C 98 -6.22 0.62 16.26
N TRP C 99 -6.06 1.91 16.01
CA TRP C 99 -6.84 2.62 15.02
C TRP C 99 -5.91 3.27 14.00
N SER C 100 -6.49 3.70 12.88
CA SER C 100 -5.75 4.35 11.82
C SER C 100 -6.04 5.85 11.84
N ARG C 101 -5.00 6.65 11.60
CA ARG C 101 -5.13 8.09 11.48
C ARG C 101 -4.23 8.55 10.34
N PHE C 102 -4.83 9.17 9.32
CA PHE C 102 -4.08 9.57 8.12
C PHE C 102 -3.33 8.37 7.53
N GLY C 103 -3.92 7.18 7.64
CA GLY C 103 -3.32 5.97 7.13
C GLY C 103 -2.20 5.38 7.96
N GLU C 104 -1.91 5.97 9.11
CA GLU C 104 -0.90 5.44 10.02
C GLU C 104 -1.56 4.68 11.15
N ALA C 105 -0.99 3.54 11.52
CA ALA C 105 -1.49 2.77 12.65
C ALA C 105 -1.07 3.41 13.97
N TRP C 106 -2.02 3.49 14.89
CA TRP C 106 -1.80 3.99 16.24
C TRP C 106 -2.15 2.91 17.25
N LEU C 107 -1.38 2.81 18.33
CA LEU C 107 -1.52 1.72 19.28
C LEU C 107 -2.62 2.02 20.30
N GLY C 108 -3.57 1.10 20.42
CA GLY C 108 -4.57 1.14 21.49
C GLY C 108 -4.27 0.23 22.65
N CYS C 109 -4.02 -1.05 22.37
CA CYS C 109 -3.66 -2.03 23.38
C CYS C 109 -2.56 -2.92 22.83
N ALA C 110 -1.72 -3.45 23.72
CA ALA C 110 -0.69 -4.38 23.30
C ALA C 110 -0.48 -5.44 24.37
N PRO C 111 -1.48 -6.28 24.65
CA PRO C 111 -1.28 -7.39 25.58
C PRO C 111 -0.33 -8.40 24.97
N ARG C 112 0.31 -9.17 25.86
CA ARG C 112 1.10 -10.32 25.39
C ARG C 112 0.11 -11.24 24.68
N PHE C 113 0.57 -11.92 23.64
CA PHE C 113 -0.33 -12.78 22.86
C PHE C 113 -0.99 -13.83 23.74
N GLN C 114 -0.21 -14.51 24.59
CA GLN C 114 -0.82 -15.57 25.39
C GLN C 114 -1.84 -15.00 26.37
N GLU C 115 -1.63 -13.79 26.88
CA GLU C 115 -2.63 -13.18 27.76
C GLU C 115 -3.92 -12.90 27.00
N PHE C 116 -3.83 -12.30 25.81
CA PHE C 116 -5.06 -12.07 25.09
C PHE C 116 -5.73 -13.39 24.73
N SER C 117 -4.92 -14.39 24.40
CA SER C 117 -5.47 -15.71 24.08
C SER C 117 -6.30 -16.26 25.23
N ARG C 118 -5.80 -16.11 26.47
CA ARG C 118 -6.58 -16.54 27.62
C ARG C 118 -7.89 -15.77 27.70
N VAL C 119 -7.82 -14.45 27.59
CA VAL C 119 -9.00 -13.61 27.70
C VAL C 119 -10.03 -14.01 26.65
N TYR C 120 -9.59 -14.13 25.40
CA TYR C 120 -10.49 -14.49 24.32
C TYR C 120 -11.10 -15.87 24.54
N SER C 121 -10.30 -16.85 24.99
CA SER C 121 -10.85 -18.17 25.28
C SER C 121 -11.94 -18.09 26.33
N ALA C 122 -11.71 -17.33 27.39
CA ALA C 122 -12.74 -17.18 28.43
C ALA C 122 -13.98 -16.49 27.86
N ALA C 123 -13.78 -15.47 27.03
CA ALA C 123 -14.92 -14.76 26.45
C ALA C 123 -15.72 -15.63 25.49
N LEU C 124 -15.02 -16.39 24.64
CA LEU C 124 -15.70 -17.29 23.72
C LEU C 124 -16.50 -18.34 24.47
N THR C 125 -15.90 -18.92 25.50
CA THR C 125 -16.56 -19.98 26.28
C THR C 125 -17.77 -19.44 27.03
N THR C 126 -17.76 -18.17 27.46
CA THR C 126 -18.90 -17.57 28.14
C THR C 126 -19.85 -16.88 27.18
N HIS C 127 -19.53 -16.87 25.89
CA HIS C 127 -20.31 -16.17 24.87
C HIS C 127 -20.42 -14.68 25.18
N LEU C 128 -19.36 -14.13 25.77
CA LEU C 128 -19.26 -12.69 26.02
C LEU C 128 -18.35 -11.98 25.03
N ASN C 129 -17.79 -12.69 24.06
CA ASN C 129 -16.96 -12.05 23.05
C ASN C 129 -17.83 -11.22 22.11
N PRO C 130 -17.53 -9.93 21.93
CA PRO C 130 -18.35 -9.08 21.05
C PRO C 130 -18.20 -9.40 19.57
N CYS C 131 -17.14 -10.09 19.18
CA CYS C 131 -16.96 -10.50 17.80
C CYS C 131 -16.20 -11.82 17.83
N GLU C 132 -16.16 -12.49 16.68
CA GLU C 132 -15.46 -13.74 16.53
C GLU C 132 -14.20 -13.49 15.73
N MET C 133 -13.10 -14.13 16.12
CA MET C 133 -11.89 -14.02 15.31
C MET C 133 -11.02 -15.24 15.55
N ALA C 134 -10.13 -15.48 14.59
CA ALA C 134 -9.22 -16.61 14.59
C ALA C 134 -7.83 -16.10 14.99
N LEU C 135 -7.36 -16.53 16.17
CA LEU C 135 -6.08 -16.05 16.67
C LEU C 135 -4.89 -16.77 16.04
N ASP C 136 -5.11 -17.89 15.36
CA ASP C 136 -4.01 -18.64 14.76
C ASP C 136 -3.72 -18.05 13.38
N ALA D 13 26.79 7.51 0.83
CA ALA D 13 25.81 6.84 1.66
C ALA D 13 24.71 7.80 2.06
N CYS D 14 25.07 8.93 2.67
CA CYS D 14 24.12 10.00 2.95
C CYS D 14 24.28 11.17 1.98
N ARG D 15 25.29 11.17 1.14
CA ARG D 15 25.49 12.31 0.25
C ARG D 15 24.33 12.36 -0.75
N PRO D 16 23.93 13.56 -1.17
CA PRO D 16 22.83 13.66 -2.13
C PRO D 16 23.16 12.93 -3.41
N CYS D 17 22.12 12.40 -4.06
CA CYS D 17 22.31 11.76 -5.34
C CYS D 17 22.65 12.80 -6.40
N SER D 18 23.61 12.47 -7.27
CA SER D 18 23.90 13.31 -8.42
C SER D 18 22.70 13.31 -9.37
N ASP D 19 22.66 14.27 -10.29
CA ASP D 19 21.56 14.29 -11.24
C ASP D 19 21.50 13.00 -12.07
N ALA D 20 22.66 12.46 -12.46
CA ALA D 20 22.68 11.20 -13.19
C ALA D 20 22.12 10.06 -12.33
N GLU D 21 22.51 10.02 -11.06
CA GLU D 21 22.01 9.01 -10.14
C GLU D 21 20.50 9.14 -9.95
N LEU D 22 20.00 10.37 -9.83
CA LEU D 22 18.56 10.58 -9.66
C LEU D 22 17.78 10.01 -10.83
N LEU D 23 18.25 10.24 -12.04
CA LEU D 23 17.56 9.77 -13.22
C LEU D 23 17.45 8.26 -13.23
N LEU D 24 18.54 7.56 -12.92
CA LEU D 24 18.47 6.11 -12.90
C LEU D 24 17.64 5.61 -11.73
N ALA D 25 17.82 6.19 -10.54
CA ALA D 25 17.08 5.75 -9.37
C ALA D 25 15.58 5.87 -9.59
N ALA D 26 15.15 6.92 -10.28
CA ALA D 26 13.71 7.13 -10.47
C ALA D 26 13.10 5.98 -11.25
N CYS D 27 13.89 5.32 -12.07
CA CYS D 27 13.44 4.17 -12.86
C CYS D 27 13.71 2.84 -12.19
N THR D 28 14.77 2.70 -11.39
CA THR D 28 15.08 1.41 -10.79
C THR D 28 14.48 1.24 -9.40
N SER D 29 13.97 2.31 -8.81
CA SER D 29 13.45 2.27 -7.44
C SER D 29 12.16 1.49 -7.38
N ASP D 30 11.89 0.93 -6.20
CA ASP D 30 10.58 0.34 -5.94
C ASP D 30 9.50 1.40 -5.76
N PHE D 31 9.87 2.63 -5.36
CA PHE D 31 8.87 3.68 -5.19
C PHE D 31 9.46 5.03 -5.53
N VAL D 32 8.57 5.91 -6.00
CA VAL D 32 8.85 7.32 -6.23
C VAL D 32 7.60 8.07 -5.77
N ILE D 33 7.73 8.90 -4.73
CA ILE D 33 6.58 9.62 -4.20
C ILE D 33 6.94 11.08 -3.97
N HIS D 34 5.92 11.91 -4.10
CA HIS D 34 6.03 13.37 -3.92
C HIS D 34 5.41 13.71 -2.56
N GLY D 35 6.14 14.37 -1.68
CA GLY D 35 5.54 14.78 -0.43
C GLY D 35 6.43 15.68 0.40
N THR D 36 5.96 15.95 1.61
CA THR D 36 6.66 16.79 2.57
C THR D 36 6.97 15.98 3.83
N ILE D 37 7.96 16.44 4.60
CA ILE D 37 8.38 15.74 5.80
C ILE D 37 7.61 16.31 6.99
N HIS D 38 6.79 15.46 7.61
CA HIS D 38 6.01 15.88 8.77
C HIS D 38 6.79 15.74 10.08
N GLY D 39 7.55 14.66 10.22
CA GLY D 39 8.33 14.44 11.43
C GLY D 39 9.38 13.39 11.18
N VAL D 40 10.35 13.32 12.08
CA VAL D 40 11.40 12.32 12.02
C VAL D 40 11.60 11.73 13.41
N ALA D 41 11.58 10.40 13.48
CA ALA D 41 11.83 9.66 14.71
C ALA D 41 13.15 8.93 14.57
N HIS D 42 13.90 8.84 15.67
CA HIS D 42 15.23 8.23 15.63
C HIS D 42 15.29 7.00 16.53
N ASP D 43 15.85 5.93 15.97
CA ASP D 43 16.12 4.69 16.70
C ASP D 43 17.63 4.68 16.97
N THR D 44 18.01 5.00 18.21
CA THR D 44 19.40 5.14 18.57
C THR D 44 20.09 3.82 18.83
N GLU D 45 19.34 2.72 18.96
CA GLU D 45 19.94 1.40 19.05
C GLU D 45 20.33 0.89 17.68
N LEU D 46 19.40 0.91 16.74
CA LEU D 46 19.68 0.51 15.37
C LEU D 46 20.40 1.59 14.57
N GLN D 47 20.46 2.83 15.08
CA GLN D 47 21.06 3.97 14.38
C GLN D 47 20.39 4.17 13.02
N GLU D 48 19.07 4.20 13.05
CA GLU D 48 18.22 4.43 11.90
C GLU D 48 17.22 5.53 12.25
N SER D 49 16.75 6.22 11.22
CA SER D 49 15.70 7.21 11.36
C SER D 49 14.47 6.75 10.57
N VAL D 50 13.29 7.12 11.07
CA VAL D 50 12.03 6.85 10.39
C VAL D 50 11.42 8.20 10.05
N ILE D 51 11.31 8.48 8.75
CA ILE D 51 10.82 9.75 8.24
C ILE D 51 9.33 9.60 7.94
N THR D 52 8.49 10.43 8.54
CA THR D 52 7.07 10.40 8.23
C THR D 52 6.75 11.50 7.22
N VAL D 53 6.23 11.10 6.07
CA VAL D 53 5.99 12.01 4.96
C VAL D 53 4.50 12.16 4.76
N VAL D 54 4.07 13.36 4.41
CA VAL D 54 2.73 13.60 3.91
C VAL D 54 2.75 13.36 2.41
N VAL D 55 2.00 12.35 1.95
CA VAL D 55 2.09 11.89 0.58
C VAL D 55 1.17 12.71 -0.32
N ALA D 56 1.76 13.59 -1.14
CA ALA D 56 0.98 14.38 -2.10
C ALA D 56 0.59 13.55 -3.32
N ARG D 57 1.50 12.73 -3.82
CA ARG D 57 1.24 11.90 -4.99
C ARG D 57 2.18 10.71 -4.98
N VAL D 58 1.67 9.55 -5.37
CA VAL D 58 2.48 8.40 -5.72
C VAL D 58 2.77 8.49 -7.22
N ILE D 59 4.04 8.68 -7.57
CA ILE D 59 4.42 8.79 -8.97
C ILE D 59 4.49 7.41 -9.62
N ARG D 60 5.21 6.49 -8.98
CA ARG D 60 5.27 5.10 -9.42
C ARG D 60 5.70 4.24 -8.25
N GLN D 61 5.26 2.99 -8.26
CA GLN D 61 5.75 2.00 -7.32
C GLN D 61 5.50 0.62 -7.93
N THR D 62 6.39 -0.32 -7.61
CA THR D 62 6.30 -1.65 -8.19
C THR D 62 5.44 -2.59 -7.36
N LEU D 63 5.07 -2.15 -6.16
CA LEU D 63 4.28 -2.92 -5.20
C LEU D 63 3.49 -1.92 -4.38
N PRO D 64 2.41 -2.36 -3.75
CA PRO D 64 1.58 -1.36 -3.05
C PRO D 64 2.16 -0.91 -1.71
N LEU D 65 3.25 -0.13 -1.77
CA LEU D 65 3.84 0.35 -0.53
C LEU D 65 3.08 1.55 0.02
N PHE D 66 2.72 2.49 -0.87
CA PHE D 66 2.11 3.73 -0.45
C PHE D 66 0.72 3.90 -1.06
N LYS D 67 -0.07 4.76 -0.42
CA LYS D 67 -1.33 5.27 -0.94
C LYS D 67 -1.32 6.78 -0.68
N GLU D 68 -2.15 7.52 -1.43
CA GLU D 68 -2.37 8.94 -1.18
C GLU D 68 -3.73 9.12 -0.53
N GLY D 69 -3.82 10.07 0.39
CA GLY D 69 -5.04 10.33 1.11
C GLY D 69 -5.33 9.27 2.16
N SER D 70 -6.21 9.64 3.08
CA SER D 70 -6.59 8.74 4.18
C SER D 70 -8.07 8.38 4.12
N GLN D 74 -5.94 13.27 3.64
CA GLN D 74 -4.49 13.36 3.72
C GLN D 74 -3.94 12.02 4.18
N GLY D 75 -2.89 11.56 3.52
CA GLY D 75 -2.21 10.33 3.90
C GLY D 75 -0.77 10.55 4.31
N ARG D 76 -0.35 9.83 5.34
CA ARG D 76 1.04 9.84 5.79
C ARG D 76 1.60 8.43 5.72
N ALA D 77 2.92 8.36 5.54
CA ALA D 77 3.61 7.09 5.43
C ALA D 77 5.06 7.31 5.83
N SER D 78 5.76 6.21 6.11
CA SER D 78 7.08 6.30 6.69
C SER D 78 8.13 5.65 5.79
N ILE D 79 9.33 6.22 5.87
CA ILE D 79 10.49 5.78 5.09
C ILE D 79 11.69 5.73 6.03
N ARG D 80 12.45 4.63 5.98
CA ARG D 80 13.62 4.48 6.83
C ARG D 80 14.86 5.03 6.15
N THR D 81 15.80 5.52 6.98
CA THR D 81 17.15 5.87 6.51
C THR D 81 18.11 5.72 7.68
N LEU D 82 19.38 6.06 7.44
CA LEU D 82 20.37 6.00 8.50
C LEU D 82 20.28 7.23 9.39
N LEU D 83 20.50 7.03 10.69
CA LEU D 83 20.46 8.14 11.62
C LEU D 83 21.50 9.19 11.28
N ARG D 84 22.67 8.77 10.80
CA ARG D 84 23.74 9.74 10.60
C ARG D 84 23.46 10.67 9.44
N CYS D 85 22.47 10.38 8.59
CA CYS D 85 22.15 11.30 7.51
C CYS D 85 21.52 12.59 8.03
N GLY D 86 20.99 12.58 9.25
CA GLY D 86 20.56 13.82 9.87
C GLY D 86 19.32 14.44 9.27
N VAL D 87 18.38 13.61 8.78
CA VAL D 87 17.18 14.13 8.17
C VAL D 87 16.35 14.85 9.22
N ARG D 88 15.76 15.98 8.81
CA ARG D 88 15.03 16.88 9.69
C ARG D 88 13.68 17.22 9.07
N PRO D 89 12.65 17.47 9.88
CA PRO D 89 11.40 18.00 9.32
C PRO D 89 11.60 19.45 8.90
N GLY D 90 10.65 19.92 8.10
CA GLY D 90 10.76 21.24 7.54
C GLY D 90 9.74 21.43 6.43
N PRO D 91 9.62 22.65 5.94
CA PRO D 91 8.91 22.87 4.68
C PRO D 91 9.82 22.44 3.55
N GLY D 92 9.25 22.37 2.38
CA GLY D 92 9.96 21.93 1.20
C GLY D 92 9.29 20.65 0.77
N SER D 93 9.12 20.52 -0.52
CA SER D 93 8.48 19.37 -1.14
C SER D 93 9.57 18.58 -1.85
N PHE D 94 9.52 17.26 -1.70
CA PHE D 94 10.58 16.40 -2.16
C PHE D 94 9.99 15.26 -2.99
N LEU D 95 10.85 14.66 -3.82
CA LEU D 95 10.54 13.42 -4.50
C LEU D 95 11.38 12.33 -3.83
N PHE D 96 10.75 11.56 -2.95
CA PHE D 96 11.42 10.47 -2.25
C PHE D 96 11.46 9.24 -3.16
N MET D 97 12.63 8.62 -3.26
CA MET D 97 12.83 7.43 -4.09
C MET D 97 13.54 6.40 -3.25
N GLY D 98 13.22 5.13 -3.44
CA GLY D 98 13.91 4.10 -2.68
C GLY D 98 13.41 2.71 -2.96
N TRP D 99 13.78 1.81 -2.06
CA TRP D 99 13.52 0.39 -2.22
C TRP D 99 12.79 -0.15 -1.01
N SER D 100 12.23 -1.34 -1.18
CA SER D 100 11.49 -2.03 -0.13
C SER D 100 12.35 -3.13 0.44
N ARG D 101 12.34 -3.27 1.76
CA ARG D 101 13.03 -4.33 2.46
C ARG D 101 12.14 -4.78 3.61
N PHE D 102 11.74 -6.06 3.61
CA PHE D 102 10.76 -6.58 4.55
C PHE D 102 9.47 -5.78 4.50
N GLY D 103 9.13 -5.26 3.33
CA GLY D 103 7.92 -4.47 3.18
C GLY D 103 8.01 -3.07 3.71
N GLU D 104 9.18 -2.64 4.15
CA GLU D 104 9.40 -1.27 4.62
C GLU D 104 10.12 -0.47 3.56
N ALA D 105 9.69 0.78 3.38
CA ALA D 105 10.37 1.68 2.45
C ALA D 105 11.68 2.19 3.05
N TRP D 106 12.73 2.18 2.22
CA TRP D 106 14.05 2.71 2.56
C TRP D 106 14.42 3.80 1.57
N LEU D 107 15.07 4.85 2.07
CA LEU D 107 15.34 6.02 1.25
C LEU D 107 16.60 5.86 0.42
N GLY D 108 16.47 6.06 -0.90
CA GLY D 108 17.62 6.13 -1.77
C GLY D 108 18.03 7.54 -2.14
N CYS D 109 17.08 8.33 -2.65
CA CYS D 109 17.32 9.72 -3.01
C CYS D 109 16.13 10.56 -2.58
N ALA D 110 16.37 11.84 -2.29
CA ALA D 110 15.30 12.76 -1.92
C ALA D 110 15.62 14.16 -2.45
N PRO D 111 15.64 14.32 -3.77
CA PRO D 111 15.77 15.68 -4.32
C PRO D 111 14.53 16.50 -4.05
N ARG D 112 14.71 17.82 -4.01
CA ARG D 112 13.55 18.70 -4.06
C ARG D 112 12.75 18.39 -5.32
N PHE D 113 11.42 18.49 -5.21
CA PHE D 113 10.57 18.13 -6.34
C PHE D 113 10.90 18.97 -7.57
N GLN D 114 11.08 20.28 -7.38
CA GLN D 114 11.37 21.14 -8.53
C GLN D 114 12.70 20.81 -9.18
N GLU D 115 13.67 20.37 -8.39
CA GLU D 115 14.96 19.98 -8.97
C GLU D 115 14.81 18.72 -9.80
N PHE D 116 14.14 17.70 -9.27
CA PHE D 116 13.98 16.50 -10.09
C PHE D 116 13.12 16.78 -11.31
N SER D 117 12.13 17.67 -11.18
CA SER D 117 11.32 18.02 -12.35
C SER D 117 12.19 18.60 -13.45
N ARG D 118 13.14 19.47 -13.10
CA ARG D 118 14.09 19.99 -14.09
C ARG D 118 14.88 18.86 -14.73
N VAL D 119 15.43 17.98 -13.91
CA VAL D 119 16.27 16.89 -14.41
C VAL D 119 15.47 16.01 -15.37
N TYR D 120 14.28 15.60 -14.95
CA TYR D 120 13.46 14.73 -15.80
C TYR D 120 13.10 15.40 -17.11
N SER D 121 12.73 16.69 -17.08
CA SER D 121 12.42 17.41 -18.31
C SER D 121 13.61 17.42 -19.25
N ALA D 122 14.81 17.71 -18.72
CA ALA D 122 16.00 17.71 -19.56
C ALA D 122 16.28 16.32 -20.11
N ALA D 123 16.12 15.28 -19.28
CA ALA D 123 16.37 13.93 -19.75
C ALA D 123 15.36 13.53 -20.82
N LEU D 124 14.09 13.88 -20.61
CA LEU D 124 13.05 13.54 -21.58
C LEU D 124 13.34 14.21 -22.90
N THR D 125 13.71 15.50 -22.87
CA THR D 125 13.97 16.26 -24.08
C THR D 125 15.15 15.69 -24.86
N THR D 126 16.16 15.19 -24.15
CA THR D 126 17.36 14.66 -24.79
C THR D 126 17.29 13.17 -25.07
N HIS D 127 16.18 12.51 -24.70
CA HIS D 127 16.03 11.05 -24.82
C HIS D 127 17.14 10.31 -24.08
N LEU D 128 17.56 10.88 -22.95
CA LEU D 128 18.48 10.21 -22.06
C LEU D 128 17.77 9.61 -20.84
N ASN D 129 16.45 9.76 -20.75
CA ASN D 129 15.71 9.18 -19.65
C ASN D 129 15.57 7.67 -19.82
N PRO D 130 15.92 6.87 -18.81
CA PRO D 130 15.74 5.41 -18.95
C PRO D 130 14.29 4.95 -18.89
N CYS D 131 13.39 5.75 -18.33
CA CYS D 131 11.97 5.44 -18.32
C CYS D 131 11.17 6.73 -18.22
N GLU D 132 9.85 6.62 -18.37
CA GLU D 132 8.91 7.71 -18.20
C GLU D 132 8.06 7.54 -16.95
N MET D 133 7.56 8.66 -16.46
CA MET D 133 6.60 8.70 -15.35
C MET D 133 5.85 10.01 -15.42
N ALA D 134 4.71 10.04 -14.76
CA ALA D 134 3.86 11.23 -14.69
C ALA D 134 4.12 11.91 -13.35
N LEU D 135 4.78 13.07 -13.37
CA LEU D 135 5.18 13.73 -12.13
C LEU D 135 4.05 14.46 -11.44
N ASP D 136 2.95 14.75 -12.13
CA ASP D 136 1.82 15.37 -11.43
C ASP D 136 0.50 15.00 -12.10
S SO4 E . -32.35 20.81 9.84
O1 SO4 E . -32.47 20.42 8.45
O2 SO4 E . -31.09 21.54 10.02
O3 SO4 E . -32.38 19.62 10.67
O4 SO4 E . -33.47 21.67 10.22
S SO4 F . 2.17 -21.03 0.10
O1 SO4 F . 2.42 -19.91 -0.81
O2 SO4 F . 1.52 -22.13 -0.63
O3 SO4 F . 3.42 -21.50 0.66
O4 SO4 F . 1.28 -20.59 1.18
S SO4 G . 30.18 -21.45 -24.21
O1 SO4 G . 30.32 -20.98 -25.58
O2 SO4 G . 28.78 -21.73 -23.93
O3 SO4 G . 30.96 -22.67 -24.03
O4 SO4 G . 30.66 -20.42 -23.29
S SO4 H . 17.81 -6.10 10.35
O1 SO4 H . 16.96 -5.08 9.74
O2 SO4 H . 18.86 -6.51 9.42
O3 SO4 H . 17.01 -7.26 10.70
O4 SO4 H . 18.40 -5.53 11.56
S SO4 I . 3.63 -15.04 24.12
O1 SO4 I . 4.85 -14.35 23.70
O2 SO4 I . 3.07 -15.75 22.99
O3 SO4 I . 3.97 -16.00 25.17
O4 SO4 I . 2.66 -14.08 24.64
S SO4 J . 28.99 -8.47 10.73
O1 SO4 J . 28.68 -7.20 10.08
O2 SO4 J . 28.71 -9.60 9.85
O3 SO4 J . 30.40 -8.51 11.09
O4 SO4 J . 28.17 -8.58 11.94
#